data_5NBF
#
_entry.id   5NBF
#
_cell.length_a   34.607
_cell.length_b   38.251
_cell.length_c   44.002
_cell.angle_alpha   90.00
_cell.angle_beta   90.59
_cell.angle_gamma   90.00
#
_symmetry.space_group_name_H-M   'P 1 2 1'
#
loop_
_entity.id
_entity.type
_entity.pdbx_description
1 polymer 'Protein enabled homolog'
2 non-polymer "(3~{S},6~{S},7~{R},9~{a}~{R})-6-[[(3~{S},6~{R},8~{a}~{S})-1'-[(2~{S})-2-acetamido-3-(2-chlorophenyl)propanoyl]-5-oxidanylidene-spiro[1,2,3,8~{a}-tetrahydroindolizine-6,2'-pyrrolidine]-3-yl]carbonylamino]-7-methyl-5-oxidanylidene-1,2,3,6,7,9~{a}-hexahydropyrrolo[1,2-a]azepine-3-carboxylic acid"
3 non-polymer 'SULFATE ION'
4 non-polymer 'NITRATE ION'
5 water water
#
_entity_poly.entity_id   1
_entity_poly.type   'polypeptide(L)'
_entity_poly.pdbx_seq_one_letter_code
;GSMSEQSICQARAAVMVYDDANKKWVPAGGSTGFSRVHIYHHTGNNTFRVVGRKIQDHQVVINCAIPKGLKYNQATQTFH
QWRDARQVYGLNFGSKEDANVFASAMMHALEVL
;
_entity_poly.pdbx_strand_id   A
#
loop_
_chem_comp.id
_chem_comp.type
_chem_comp.name
_chem_comp.formula
8S8 non-polymer '(3~{S},6~{S},7~{R},9~{a}~{R})-6-[[(3~{S},6~{R},8~{a}~{S})-1'-[(2~{S})-2-acetamido-3-(2-chlorophenyl)propanoyl]-5-oxidanylidene-spiro[1,2,3,8~{a}-tetrahydroindolizine-6,2'-pyrrolidine]-3-yl]carbonylamino]-7-methyl-5-oxidanylidene-1,2,3,6,7,9~{a}-hexahydropyrrolo[1,2-a]azepine-3-carboxylic acid' 'C34 H40 Cl N5 O7'
NO3 non-polymer 'NITRATE ION' 'N O3 -1'
SO4 non-polymer 'SULFATE ION' 'O4 S -2'
#
# COMPACT_ATOMS: atom_id res chain seq x y z
N SER A 4 -2.49 -18.01 10.26
CA SER A 4 -2.48 -16.73 10.98
C SER A 4 -3.06 -15.55 10.20
N GLU A 5 -2.41 -15.15 9.12
N GLU A 5 -2.43 -15.18 9.10
CA GLU A 5 -2.92 -14.07 8.28
CA GLU A 5 -2.87 -14.07 8.27
C GLU A 5 -3.35 -14.64 6.96
C GLU A 5 -3.30 -14.59 6.91
N GLN A 6 -4.45 -14.11 6.45
CA GLN A 6 -4.98 -14.47 5.14
C GLN A 6 -4.75 -13.31 4.20
N SER A 7 -4.17 -13.59 3.04
CA SER A 7 -4.12 -12.57 2.01
C SER A 7 -5.53 -12.39 1.45
N ILE A 8 -5.98 -11.15 1.35
CA ILE A 8 -7.30 -10.87 0.79
C ILE A 8 -7.21 -10.20 -0.58
N CYS A 9 -6.02 -9.86 -1.06
CA CYS A 9 -5.81 -9.43 -2.43
C CYS A 9 -4.33 -9.45 -2.74
N GLN A 10 -4.05 -9.46 -4.04
CA GLN A 10 -2.72 -9.28 -4.63
C GLN A 10 -2.87 -8.31 -5.78
N ALA A 11 -2.07 -7.24 -5.80
CA ALA A 11 -2.16 -6.24 -6.83
C ALA A 11 -0.76 -5.77 -7.20
N ARG A 12 -0.58 -5.50 -8.49
CA ARG A 12 0.70 -5.08 -9.02
C ARG A 12 0.82 -3.56 -8.90
N ALA A 13 1.87 -3.07 -8.24
CA ALA A 13 2.03 -1.62 -8.13
C ALA A 13 3.48 -1.28 -7.88
N ALA A 14 3.85 -0.08 -8.32
CA ALA A 14 5.12 0.54 -7.91
C ALA A 14 4.82 1.27 -6.61
N VAL A 15 5.45 0.84 -5.53
CA VAL A 15 5.20 1.38 -4.21
C VAL A 15 6.13 2.54 -3.98
N MET A 16 5.60 3.64 -3.46
N MET A 16 5.54 3.68 -3.62
CA MET A 16 6.39 4.85 -3.24
CA MET A 16 6.16 5.00 -3.57
C MET A 16 6.07 5.47 -1.89
C MET A 16 6.00 5.50 -2.14
N VAL A 17 6.97 6.31 -1.47
N VAL A 17 6.83 6.23 -1.51
CA VAL A 17 6.74 7.10 -0.29
CA VAL A 17 6.75 7.06 -0.31
C VAL A 17 7.13 8.52 -0.61
C VAL A 17 7.09 8.51 -0.64
N TYR A 18 6.45 9.47 0.04
CA TYR A 18 6.64 10.86 -0.30
C TYR A 18 7.75 11.45 0.57
N ASP A 19 8.73 12.02 -0.10
CA ASP A 19 9.83 12.68 0.60
C ASP A 19 9.34 14.11 0.87
N ASP A 20 8.83 14.33 2.08
CA ASP A 20 8.25 15.62 2.42
CA ASP A 20 8.25 15.62 2.45
C ASP A 20 9.27 16.75 2.34
N ALA A 21 10.54 16.46 2.64
CA ALA A 21 11.54 17.50 2.67
C ALA A 21 11.87 17.98 1.26
N ASN A 22 12.05 17.07 0.33
CA ASN A 22 12.41 17.44 -1.04
CA ASN A 22 12.42 17.40 -1.05
C ASN A 22 11.21 17.49 -1.97
N LYS A 23 10.02 17.20 -1.47
CA LYS A 23 8.80 17.39 -2.21
C LYS A 23 8.75 16.51 -3.47
N LYS A 24 8.97 15.22 -3.30
CA LYS A 24 8.89 14.29 -4.43
C LYS A 24 8.67 12.88 -3.91
N TRP A 25 8.09 12.07 -4.76
CA TRP A 25 7.92 10.67 -4.47
C TRP A 25 9.23 9.93 -4.71
N VAL A 26 9.49 8.95 -3.87
N VAL A 26 9.53 9.00 -3.80
CA VAL A 26 10.67 8.13 -4.09
CA VAL A 26 10.73 8.14 -3.72
C VAL A 26 10.30 6.68 -3.87
C VAL A 26 10.28 6.69 -3.86
N PRO A 27 10.99 5.78 -4.54
CA PRO A 27 10.60 4.36 -4.48
C PRO A 27 10.71 3.81 -3.08
N ALA A 28 9.67 3.11 -2.63
CA ALA A 28 9.72 2.47 -1.33
C ALA A 28 10.82 1.43 -1.32
N GLY A 29 11.61 1.39 -0.23
CA GLY A 29 12.68 0.42 -0.12
C GLY A 29 13.91 0.76 -0.90
N GLY A 30 13.91 1.87 -1.65
CA GLY A 30 15.10 2.35 -2.29
C GLY A 30 15.24 2.12 -3.77
N SER A 31 14.47 1.20 -4.37
N SER A 31 14.57 1.15 -4.37
CA SER A 31 14.72 0.80 -5.77
CA SER A 31 14.77 0.95 -5.80
C SER A 31 13.42 0.80 -6.58
C SER A 31 13.44 0.91 -6.52
N THR A 32 13.46 1.46 -7.71
CA THR A 32 12.29 1.60 -8.55
C THR A 32 11.94 0.28 -9.21
N GLY A 33 10.67 -0.06 -9.17
CA GLY A 33 10.18 -1.24 -9.85
C GLY A 33 8.85 -1.64 -9.26
N PHE A 34 8.25 -2.65 -9.88
CA PHE A 34 6.95 -3.08 -9.44
C PHE A 34 7.06 -4.17 -8.36
N SER A 35 6.05 -4.17 -7.50
CA SER A 35 5.86 -5.09 -6.40
C SER A 35 4.52 -5.78 -6.48
N ARG A 36 4.45 -6.93 -5.84
CA ARG A 36 3.19 -7.60 -5.56
C ARG A 36 2.75 -7.15 -4.18
N VAL A 37 1.62 -6.47 -4.14
CA VAL A 37 1.13 -5.85 -2.91
C VAL A 37 -0.10 -6.60 -2.42
N HIS A 38 -0.03 -7.08 -1.19
CA HIS A 38 -1.14 -7.72 -0.53
C HIS A 38 -1.75 -6.80 0.50
N ILE A 39 -3.03 -7.06 0.81
CA ILE A 39 -3.57 -6.80 2.14
C ILE A 39 -3.73 -8.12 2.85
N TYR A 40 -3.16 -8.22 4.04
CA TYR A 40 -3.27 -9.38 4.89
C TYR A 40 -4.23 -9.08 6.02
N HIS A 41 -5.17 -10.01 6.27
CA HIS A 41 -6.12 -9.93 7.35
C HIS A 41 -5.70 -10.90 8.44
N HIS A 42 -5.42 -10.38 9.63
CA HIS A 42 -5.24 -11.23 10.80
C HIS A 42 -6.62 -11.50 11.32
N THR A 43 -7.13 -12.69 11.01
CA THR A 43 -8.53 -12.94 11.30
C THR A 43 -8.78 -13.01 12.80
N GLY A 44 -7.79 -13.43 13.59
CA GLY A 44 -8.01 -13.57 15.02
C GLY A 44 -8.25 -12.23 15.71
N ASN A 45 -7.48 -11.22 15.34
CA ASN A 45 -7.60 -9.90 15.95
C ASN A 45 -8.36 -8.91 15.08
N ASN A 46 -8.81 -9.31 13.91
CA ASN A 46 -9.45 -8.42 12.94
C ASN A 46 -8.62 -7.15 12.69
N THR A 47 -7.35 -7.36 12.41
CA THR A 47 -6.46 -6.30 11.97
C THR A 47 -6.00 -6.60 10.55
N PHE A 48 -5.55 -5.53 9.90
CA PHE A 48 -5.15 -5.59 8.49
C PHE A 48 -3.86 -4.80 8.29
N ARG A 49 -3.01 -5.29 7.38
N ARG A 49 -3.03 -5.29 7.36
CA ARG A 49 -1.84 -4.53 6.98
CA ARG A 49 -1.80 -4.61 6.97
C ARG A 49 -1.60 -4.70 5.48
C ARG A 49 -1.62 -4.70 5.47
N VAL A 50 -0.90 -3.71 4.93
CA VAL A 50 -0.43 -3.72 3.55
C VAL A 50 1.01 -4.23 3.57
N VAL A 51 1.28 -5.25 2.76
CA VAL A 51 2.63 -5.81 2.64
C VAL A 51 2.91 -6.01 1.16
N GLY A 52 4.00 -5.41 0.69
CA GLY A 52 4.38 -5.52 -0.70
C GLY A 52 5.81 -5.95 -0.85
N ARG A 53 6.04 -6.79 -1.83
CA ARG A 53 7.36 -7.35 -2.11
CA ARG A 53 7.36 -7.35 -2.11
C ARG A 53 7.73 -7.12 -3.57
N LYS A 54 8.96 -6.63 -3.81
N LYS A 54 8.98 -6.68 -3.81
CA LYS A 54 9.42 -6.40 -5.17
CA LYS A 54 9.45 -6.40 -5.16
C LYS A 54 9.33 -7.71 -5.96
C LYS A 54 9.39 -7.68 -5.97
N ILE A 55 8.86 -7.61 -7.20
CA ILE A 55 8.80 -8.80 -8.05
C ILE A 55 10.22 -9.40 -8.23
N GLN A 56 11.21 -8.54 -8.53
CA GLN A 56 12.53 -9.04 -8.92
C GLN A 56 13.21 -9.78 -7.79
N ASP A 57 13.32 -9.18 -6.62
CA ASP A 57 14.19 -9.72 -5.58
C ASP A 57 13.49 -10.01 -4.27
N HIS A 58 12.16 -9.85 -4.20
CA HIS A 58 11.37 -10.20 -3.03
C HIS A 58 11.54 -9.26 -1.86
N GLN A 59 12.20 -8.14 -2.03
CA GLN A 59 12.38 -7.22 -0.92
C GLN A 59 11.01 -6.76 -0.42
N VAL A 60 10.83 -6.76 0.89
CA VAL A 60 9.62 -6.15 1.48
C VAL A 60 9.80 -4.65 1.44
N VAL A 61 8.97 -3.96 0.67
CA VAL A 61 9.10 -2.53 0.49
C VAL A 61 8.04 -1.73 1.25
N ILE A 62 7.00 -2.39 1.71
CA ILE A 62 5.98 -1.75 2.52
C ILE A 62 5.40 -2.81 3.44
N ASN A 63 5.20 -2.41 4.69
CA ASN A 63 4.63 -3.27 5.71
C ASN A 63 4.00 -2.32 6.72
N CYS A 64 2.77 -1.93 6.46
N CYS A 64 2.72 -1.98 6.49
CA CYS A 64 2.15 -0.95 7.33
CA CYS A 64 2.03 -0.82 7.10
C CYS A 64 0.75 -1.38 7.72
C CYS A 64 0.65 -1.22 7.61
N ALA A 65 0.39 -0.97 8.90
CA ALA A 65 -0.94 -1.21 9.44
C ALA A 65 -2.00 -0.36 8.73
N ILE A 66 -3.21 -0.90 8.68
CA ILE A 66 -4.37 -0.14 8.22
C ILE A 66 -5.23 0.13 9.44
N PRO A 67 -5.24 1.33 9.96
CA PRO A 67 -6.04 1.62 11.15
C PRO A 67 -7.48 1.98 10.79
N LYS A 68 -8.36 1.65 11.72
CA LYS A 68 -9.74 2.11 11.62
C LYS A 68 -9.77 3.62 11.38
N GLY A 69 -10.60 4.05 10.43
CA GLY A 69 -10.79 5.47 10.12
C GLY A 69 -9.86 6.01 9.07
N LEU A 70 -8.92 5.20 8.54
CA LEU A 70 -8.00 5.67 7.50
CA LEU A 70 -8.00 5.72 7.55
C LEU A 70 -8.74 6.34 6.37
N LYS A 71 -8.19 7.45 5.88
CA LYS A 71 -8.67 8.13 4.69
C LYS A 71 -7.84 7.68 3.50
N TYR A 72 -8.42 6.83 2.68
CA TYR A 72 -7.75 6.25 1.54
C TYR A 72 -8.11 7.09 0.32
N ASN A 73 -7.12 7.74 -0.25
CA ASN A 73 -7.31 8.72 -1.32
C ASN A 73 -7.13 8.04 -2.67
N GLN A 74 -8.22 7.87 -3.40
CA GLN A 74 -8.11 7.32 -4.76
C GLN A 74 -7.90 8.49 -5.67
N ALA A 75 -6.67 9.02 -5.67
CA ALA A 75 -6.36 10.24 -6.41
C ALA A 75 -6.74 10.10 -7.88
N THR A 76 -6.43 8.96 -8.47
CA THR A 76 -6.81 8.66 -9.84
C THR A 76 -7.18 7.19 -9.89
N GLN A 77 -7.59 6.73 -11.07
CA GLN A 77 -7.91 5.31 -11.24
C GLN A 77 -6.70 4.40 -11.15
N THR A 78 -5.48 4.92 -11.20
CA THR A 78 -4.32 4.06 -11.07
C THR A 78 -3.29 4.53 -10.05
N PHE A 79 -3.54 5.60 -9.29
CA PHE A 79 -2.66 6.01 -8.20
C PHE A 79 -3.50 6.31 -6.97
N HIS A 80 -3.28 5.51 -5.92
CA HIS A 80 -3.96 5.68 -4.65
C HIS A 80 -2.92 5.91 -3.58
N GLN A 81 -3.30 6.60 -2.51
CA GLN A 81 -2.35 7.01 -1.48
C GLN A 81 -3.05 7.18 -0.14
N TRP A 82 -2.29 7.10 0.92
CA TRP A 82 -2.80 7.33 2.26
C TRP A 82 -1.65 7.73 3.16
N ARG A 83 -1.97 7.97 4.45
N ARG A 83 -1.98 8.50 4.15
CA ARG A 83 -1.03 8.49 5.46
CA ARG A 83 -0.94 8.90 5.06
C ARG A 83 -0.97 7.65 6.75
C ARG A 83 -1.32 8.42 6.44
N ASP A 84 0.21 7.63 7.37
N ASP A 84 -0.32 8.47 7.31
CA ASP A 84 0.25 7.42 8.80
CA ASP A 84 -0.45 8.18 8.72
C ASP A 84 0.73 8.73 9.45
C ASP A 84 0.58 9.03 9.48
N ALA A 85 0.89 8.67 10.73
CA ALA A 85 1.56 9.70 11.50
C ALA A 85 2.98 9.96 11.06
N ARG A 86 3.60 9.11 10.27
N ARG A 86 3.54 9.06 10.25
CA ARG A 86 4.95 9.43 9.84
CA ARG A 86 4.95 9.01 9.97
C ARG A 86 5.10 9.57 8.35
C ARG A 86 5.33 9.05 8.50
N GLN A 87 4.45 8.71 7.57
CA GLN A 87 4.76 8.61 6.16
C GLN A 87 3.49 8.85 5.33
N VAL A 88 3.68 9.20 4.07
CA VAL A 88 2.65 9.11 3.04
C VAL A 88 3.07 8.03 2.05
N TYR A 89 2.19 7.08 1.81
CA TYR A 89 2.40 5.96 0.95
C TYR A 89 1.60 6.16 -0.33
N GLY A 90 2.15 5.69 -1.43
CA GLY A 90 1.49 5.75 -2.73
C GLY A 90 1.67 4.43 -3.46
N LEU A 91 0.63 4.03 -4.18
CA LEU A 91 0.64 2.84 -5.03
C LEU A 91 0.32 3.28 -6.44
N ASN A 92 1.29 3.13 -7.34
CA ASN A 92 1.14 3.44 -8.75
C ASN A 92 0.87 2.09 -9.42
N PHE A 93 -0.42 1.78 -9.60
CA PHE A 93 -0.82 0.45 -10.01
C PHE A 93 -0.46 0.16 -11.46
N GLY A 94 -0.17 -1.11 -11.74
CA GLY A 94 0.17 -1.51 -13.11
C GLY A 94 -0.98 -1.45 -14.09
N SER A 95 -2.21 -1.46 -13.59
CA SER A 95 -3.39 -1.39 -14.43
C SER A 95 -4.55 -0.90 -13.58
N LYS A 96 -5.62 -0.46 -14.26
CA LYS A 96 -6.86 -0.13 -13.55
C LYS A 96 -7.43 -1.34 -12.82
N GLU A 97 -7.31 -2.53 -13.39
CA GLU A 97 -7.80 -3.73 -12.76
CA GLU A 97 -7.83 -3.71 -12.73
C GLU A 97 -7.11 -3.98 -11.43
N ASP A 98 -5.79 -3.77 -11.39
CA ASP A 98 -5.03 -3.90 -10.14
C ASP A 98 -5.50 -2.90 -9.09
N ALA A 99 -5.66 -1.64 -9.51
CA ALA A 99 -6.16 -0.62 -8.60
C ALA A 99 -7.51 -1.02 -8.04
N ASN A 100 -8.40 -1.52 -8.88
CA ASN A 100 -9.74 -1.88 -8.40
C ASN A 100 -9.68 -3.02 -7.41
N VAL A 101 -8.84 -4.02 -7.68
CA VAL A 101 -8.68 -5.13 -6.75
C VAL A 101 -8.21 -4.63 -5.39
N PHE A 102 -7.14 -3.86 -5.37
CA PHE A 102 -6.60 -3.36 -4.11
C PHE A 102 -7.59 -2.45 -3.39
N ALA A 103 -8.18 -1.49 -4.12
CA ALA A 103 -9.13 -0.58 -3.48
C ALA A 103 -10.33 -1.32 -2.94
N SER A 104 -10.78 -2.36 -3.61
N SER A 104 -10.81 -2.36 -3.64
CA SER A 104 -11.96 -3.06 -3.10
CA SER A 104 -11.90 -3.19 -3.13
C SER A 104 -11.63 -3.83 -1.81
C SER A 104 -11.56 -3.72 -1.77
N ALA A 105 -10.39 -4.34 -1.67
CA ALA A 105 -9.98 -4.96 -0.42
C ALA A 105 -9.74 -3.93 0.68
N MET A 106 -9.13 -2.81 0.34
CA MET A 106 -8.90 -1.77 1.32
C MET A 106 -10.21 -1.23 1.86
N MET A 107 -11.14 -0.92 0.95
CA MET A 107 -12.43 -0.40 1.40
C MET A 107 -13.20 -1.42 2.22
N HIS A 108 -13.10 -2.70 1.87
CA HIS A 108 -13.67 -3.77 2.70
C HIS A 108 -13.07 -3.71 4.10
N ALA A 109 -11.74 -3.67 4.19
CA ALA A 109 -11.10 -3.63 5.50
C ALA A 109 -11.61 -2.46 6.31
N LEU A 110 -11.72 -1.29 5.67
CA LEU A 110 -12.12 -0.08 6.39
C LEU A 110 -13.58 -0.14 6.84
N GLU A 111 -14.40 -0.95 6.19
CA GLU A 111 -15.79 -1.17 6.59
C GLU A 111 -15.91 -2.12 7.78
N VAL A 112 -15.06 -3.15 7.87
CA VAL A 112 -15.18 -4.16 8.93
C VAL A 112 -14.28 -3.88 10.13
N LEU A 113 -13.34 -2.93 10.02
CA LEU A 113 -12.59 -2.49 11.20
C LEU A 113 -13.50 -1.86 12.26
C5 8S8 B . 2.01 9.88 -8.79
C6 8S8 B . 0.81 9.71 -9.58
C7 8S8 B . -0.26 10.59 -9.81
O7 8S8 B . 2.37 13.49 -8.92
C1 8S8 B . 4.15 11.47 -10.78
C10 8S8 B . 0.24 15.38 -6.00
C11 8S8 B . -1.48 15.14 -0.95
C12 8S8 B . -2.37 14.55 0.16
C13 8S8 B . -3.34 13.54 -0.54
C14 8S8 B . -4.24 12.92 0.39
C15 8S8 B . -3.83 11.85 1.19
C16 8S8 B . -5.56 13.37 0.55
C17 8S8 B . -6.42 12.76 1.45
C18 8S8 B . -5.98 11.70 2.24
C19 8S8 B . -4.69 11.24 2.10
C2 8S8 B . 3.95 11.25 -9.37
C20 8S8 B . 0.59 14.00 -6.42
C21 8S8 B . 0.49 12.28 -8.18
C23 8S8 B . -1.92 11.85 -8.69
C24 8S8 B . 1.37 17.40 -5.60
C25 8S8 B . 1.83 12.38 -8.68
C26 8S8 B . 1.14 16.36 -2.03
C27 8S8 B . 1.70 16.48 -4.41
C28 8S8 B . 1.69 17.06 -3.11
C29 8S8 B . 1.84 13.63 -0.71
C3 8S8 B . 4.33 9.80 -8.91
C30 8S8 B . 0.35 13.47 -0.43
C31 8S8 B . 0.03 14.87 -3.55
C32 8S8 B . -3.05 15.66 2.25
C33 8S8 B . -3.81 16.85 2.86
C34 8S8 B . 1.75 13.92 -2.17
C35 8S8 B . 0.61 15.03 -2.24
C4 8S8 B . 3.12 9.01 -9.37
C8 8S8 B . -0.53 11.89 -9.24
C9 8S8 B . 1.17 16.38 -6.70
N1 8S8 B . 2.55 11.28 -8.92
N2 8S8 B . 0.10 13.56 -7.58
N3 8S8 B . 0.59 15.53 -4.56
N4 8S8 B . -3.08 15.61 0.86
N5 8S8 B . -0.27 14.60 -1.14
O1 8S8 B . 3.21 11.38 -11.60
O2 8S8 B . 5.31 11.80 -11.13
O3 8S8 B . -0.87 14.06 -3.81
O4 8S8 B . -1.84 16.11 -1.61
O5 8S8 B . -2.50 14.83 3.02
O6 8S8 B . 1.42 13.28 -5.81
CL 8S8 B . -2.24 11.21 1.11
H5 8S8 B . 1.88 9.65 -7.73
H6 8S8 B . 0.73 8.76 -10.10
H7 8S8 B . -1.07 10.19 -10.42
H10 8S8 B . -0.81 15.64 -6.13
H12 8S8 B . -1.75 13.99 0.88
H13 8S8 B . -3.92 14.09 -1.28
H2A 8S8 B . -2.75 12.78 -1.03
H16 8S8 B . -5.92 14.20 -0.05
H17 8S8 B . -7.44 13.13 1.56
H18 8S8 B . -6.67 11.23 2.95
H19 8S8 B . -4.35 10.41 2.71
H22 8S8 B . 4.57 11.99 -8.86
H21 8S8 B . 0.46 11.51 -7.40
H94 8S8 B . -2.67 11.44 -9.29
H93 8S8 B . -2.20 12.68 -8.09
H23 8S8 B . -1.82 11.08 -7.92
H4A 8S8 B . 0.42 17.90 -5.40
H24 8S8 B . 2.14 18.14 -5.80
H26 8S8 B . 1.14 16.79 -1.04
H27 8S8 B . 2.63 15.95 -4.57
H28 8S8 B . 2.08 18.07 -2.96
H29 8S8 B . 2.26 14.53 -0.34
H37 8S8 B . 2.47 12.80 -0.60
H32 8S8 B . 5.28 9.45 -9.29
H31 8S8 B . 4.33 9.76 -7.82
H30 8S8 B . 0.01 12.55 -0.91
H36 8S8 B . 0.11 13.45 0.64
H35 8S8 B . -4.63 17.13 2.19
H33 8S8 B . -3.14 17.70 2.98
H34 8S8 B . -4.22 16.56 3.83
H39 8S8 B . 2.68 14.19 -2.68
H38 8S8 B . 1.35 13.01 -2.60
H42 8S8 B . 3.11 9.09 -10.45
H41 8S8 B . 3.07 7.96 -9.07
H8 8S8 B . -0.48 12.63 -10.03
H91 8S8 B . 0.73 16.61 -7.61
H92 8S8 B . 2.05 15.82 -6.78
H25 8S8 B . -0.51 14.11 -8.15
H43 8S8 B . -3.54 16.31 0.32
S SO4 C . 4.88 -12.84 -3.23
O1 SO4 C . 4.92 -13.86 -4.32
O2 SO4 C . 3.51 -12.84 -2.70
O3 SO4 C . 5.82 -13.40 -2.24
O4 SO4 C . 5.37 -11.60 -3.85
N NO3 D . 0.34 -9.30 -8.42
N NO3 D . 0.48 -8.88 -8.75
O1 NO3 D . -0.04 -10.39 -7.92
O1 NO3 D . 1.31 -8.01 -8.37
O2 NO3 D . -0.56 -8.54 -8.81
O2 NO3 D . 0.67 -9.41 -9.87
O3 NO3 D . 1.57 -8.96 -8.47
O3 NO3 D . -0.51 -9.19 -8.02
#